data_3HA6
#
_entry.id   3HA6
#
_cell.length_a   86.464
_cell.length_b   86.464
_cell.length_c   143.345
_cell.angle_alpha   90.00
_cell.angle_beta   90.00
_cell.angle_gamma   120.00
#
_symmetry.space_group_name_H-M   'P 31 2 1'
#
loop_
_entity.id
_entity.type
_entity.pdbx_description
1 polymer 'Serine/threonine-protein kinase 6'
2 polymer 'Targeting protein for Xklp2'
3 non-polymer N~2~-(3,4-dimethoxyphenyl)-N~4~-[2-(2-fluorophenyl)ethyl]-N~6~-quinolin-6-yl-1,3,5-triazine-2,4,6-triamine
4 water water
#
loop_
_entity_poly.entity_id
_entity_poly.type
_entity_poly.pdbx_seq_one_letter_code
_entity_poly.pdbx_strand_id
1 'polypeptide(L)'
;GKRQWALEDFEIGRPLGKGKFGNVYLAREKQSKFILALKVLFKAQLEKAGVEHQLRREVEIQSHLRHPNILRLYGYFHDA
TRVYLILEYAPLGTVYRELQKLSKFDEQRTATYITELANALSYCHSKRVIHRDIKPENLLLGSAGELKIADFGWSVHAPS
SRR(TPO)(TPO)LCGTLDYLPPEMIEGRMHDEKVDLWSLGVLCYEFLVGKPPFEANTYQETYKRISRVEFTFPDFVTEG
ARDLISRLLKHNPSQRPMLREVLEHPWITANSSKPS
;
A
2 'polypeptide(L)' GMSQVKSSYSYDAPSDFINFSSLDDEGDTQNIDSWFEEKANLEN B
#
# COMPACT_ATOMS: atom_id res chain seq x y z
N GLY A 1 13.87 11.47 27.29
CA GLY A 1 12.49 11.29 26.77
C GLY A 1 11.63 10.32 27.59
N LYS A 2 10.74 9.61 26.89
CA LYS A 2 9.78 8.69 27.52
C LYS A 2 10.18 7.22 27.32
N ARG A 3 9.44 6.32 27.99
CA ARG A 3 9.63 4.88 27.80
C ARG A 3 9.54 4.48 26.32
N GLN A 4 10.53 3.73 25.86
CA GLN A 4 10.62 3.32 24.45
C GLN A 4 10.33 1.83 24.30
N TRP A 5 9.78 1.46 23.15
CA TRP A 5 9.48 0.07 22.82
C TRP A 5 10.65 -0.89 23.09
N ALA A 6 10.32 -2.10 23.51
CA ALA A 6 11.31 -3.16 23.71
C ALA A 6 10.73 -4.47 23.23
N LEU A 7 11.58 -5.35 22.70
CA LEU A 7 11.15 -6.67 22.22
C LEU A 7 10.48 -7.44 23.36
N GLU A 8 10.94 -7.17 24.57
CA GLU A 8 10.43 -7.77 25.78
C GLU A 8 9.01 -7.27 26.12
N ASP A 9 8.49 -6.34 25.32
CA ASP A 9 7.12 -5.84 25.51
C ASP A 9 6.06 -6.69 24.82
N PHE A 10 6.49 -7.65 24.00
CA PHE A 10 5.57 -8.40 23.16
C PHE A 10 5.68 -9.91 23.35
N GLU A 11 4.52 -10.55 23.51
CA GLU A 11 4.43 -12.00 23.43
C GLU A 11 4.16 -12.36 21.97
N ILE A 12 4.98 -13.25 21.43
CA ILE A 12 4.94 -13.61 20.00
C ILE A 12 4.22 -14.95 19.79
N GLY A 13 3.51 -15.05 18.68
CA GLY A 13 2.84 -16.29 18.30
C GLY A 13 3.13 -16.72 16.87
N ARG A 14 2.12 -17.30 16.24
CA ARG A 14 2.15 -17.71 14.83
C ARG A 14 2.69 -16.63 13.89
N PRO A 15 3.49 -17.02 12.89
CA PRO A 15 3.86 -16.10 11.81
C PRO A 15 2.67 -15.87 10.87
N LEU A 16 2.27 -14.62 10.73
CA LEU A 16 1.17 -14.25 9.84
C LEU A 16 1.58 -14.32 8.37
N GLY A 17 2.78 -13.85 8.07
CA GLY A 17 3.29 -13.87 6.71
C GLY A 17 4.80 -13.84 6.65
N LYS A 18 5.35 -14.53 5.66
CA LYS A 18 6.79 -14.51 5.40
C LYS A 18 7.11 -13.46 4.33
N GLY A 19 8.28 -12.83 4.45
CA GLY A 19 8.78 -11.85 3.48
C GLY A 19 10.28 -12.02 3.29
N LYS A 20 10.84 -11.26 2.35
CA LYS A 20 12.25 -11.39 1.95
C LYS A 20 13.24 -11.03 3.07
N PHE A 21 12.88 -10.03 3.86
CA PHE A 21 13.78 -9.53 4.90
C PHE A 21 13.33 -9.91 6.30
N GLY A 22 12.37 -10.84 6.39
CA GLY A 22 11.83 -11.29 7.67
C GLY A 22 10.32 -11.41 7.65
N ASN A 23 9.76 -11.89 8.76
CA ASN A 23 8.33 -12.20 8.82
C ASN A 23 7.51 -11.22 9.62
N VAL A 24 6.18 -11.33 9.49
CA VAL A 24 5.23 -10.69 10.40
C VAL A 24 4.68 -11.75 11.33
N TYR A 25 4.66 -11.44 12.61
CA TYR A 25 4.20 -12.39 13.62
C TYR A 25 3.00 -11.83 14.33
N LEU A 26 2.05 -12.71 14.65
CA LEU A 26 0.97 -12.32 15.56
C LEU A 26 1.60 -12.01 16.91
N ALA A 27 1.36 -10.79 17.38
CA ALA A 27 2.01 -10.29 18.59
C ALA A 27 1.00 -9.75 19.59
N ARG A 28 1.33 -9.89 20.88
CA ARG A 28 0.53 -9.34 21.94
C ARG A 28 1.39 -8.46 22.83
N GLU A 29 0.91 -7.25 23.12
CA GLU A 29 1.59 -6.39 24.08
C GLU A 29 1.15 -6.80 25.47
N LYS A 30 2.12 -7.01 26.34
CA LYS A 30 1.90 -7.61 27.66
C LYS A 30 0.94 -6.85 28.58
N GLN A 31 1.22 -5.56 28.80
CA GLN A 31 0.47 -4.74 29.76
C GLN A 31 -1.02 -4.61 29.45
N SER A 32 -1.36 -4.61 28.17
CA SER A 32 -2.74 -4.40 27.74
C SER A 32 -3.43 -5.67 27.23
N LYS A 33 -2.64 -6.68 26.87
CA LYS A 33 -3.13 -7.89 26.17
C LYS A 33 -3.76 -7.51 24.83
N PHE A 34 -3.06 -6.67 24.08
CA PHE A 34 -3.56 -6.11 22.82
C PHE A 34 -2.89 -6.75 21.60
N ILE A 35 -3.70 -7.08 20.60
CA ILE A 35 -3.26 -7.90 19.46
C ILE A 35 -2.72 -7.05 18.32
N LEU A 36 -1.50 -7.39 17.92
CA LEU A 36 -0.74 -6.64 16.97
C LEU A 36 -0.13 -7.59 15.95
N ALA A 37 0.46 -6.98 14.92
CA ALA A 37 1.33 -7.67 13.99
C ALA A 37 2.72 -7.07 14.15
N LEU A 38 3.68 -7.90 14.52
CA LEU A 38 5.07 -7.45 14.62
C LEU A 38 5.86 -7.90 13.41
N LYS A 39 6.28 -6.92 12.61
CA LYS A 39 7.08 -7.17 11.42
C LYS A 39 8.56 -7.03 11.75
N VAL A 40 9.31 -8.07 11.41
CA VAL A 40 10.71 -8.21 11.79
C VAL A 40 11.59 -8.20 10.55
N LEU A 41 12.41 -7.17 10.42
CA LEU A 41 13.26 -6.99 9.26
C LEU A 41 14.71 -7.05 9.68
N PHE A 42 15.53 -7.76 8.93
CA PHE A 42 16.95 -7.92 9.24
C PHE A 42 17.76 -6.83 8.52
N LYS A 43 18.53 -6.07 9.29
CA LYS A 43 19.32 -4.95 8.78
C LYS A 43 20.33 -5.39 7.72
N ALA A 44 20.98 -6.53 7.95
CA ALA A 44 21.97 -7.06 7.02
C ALA A 44 21.36 -7.26 5.64
N GLN A 45 20.11 -7.72 5.61
CA GLN A 45 19.44 -8.05 4.36
C GLN A 45 18.84 -6.82 3.66
N LEU A 46 18.35 -5.87 4.46
CA LEU A 46 17.88 -4.58 3.95
C LEU A 46 19.00 -3.78 3.29
N GLU A 47 20.18 -3.83 3.89
CA GLU A 47 21.35 -3.08 3.42
C GLU A 47 21.98 -3.77 2.22
N LYS A 48 21.92 -5.10 2.22
CA LYS A 48 22.43 -5.90 1.11
C LYS A 48 21.65 -5.62 -0.17
N ALA A 49 20.33 -5.45 0.00
CA ALA A 49 19.39 -5.21 -1.08
C ALA A 49 19.28 -3.73 -1.38
N GLY A 50 19.89 -2.92 -0.52
CA GLY A 50 19.90 -1.47 -0.66
C GLY A 50 18.52 -0.87 -0.61
N VAL A 51 17.77 -1.23 0.44
CA VAL A 51 16.37 -0.80 0.59
C VAL A 51 16.02 -0.12 1.93
N GLU A 52 17.03 0.21 2.75
CA GLU A 52 16.76 0.92 4.01
C GLU A 52 16.10 2.28 3.79
N HIS A 53 16.44 2.91 2.67
CA HIS A 53 15.85 4.19 2.29
C HIS A 53 14.35 4.00 2.08
N GLN A 54 13.97 2.90 1.43
CA GLN A 54 12.56 2.55 1.24
C GLN A 54 11.91 2.20 2.58
N LEU A 55 12.69 1.60 3.48
CA LEU A 55 12.18 1.25 4.79
C LEU A 55 11.91 2.49 5.62
N ARG A 56 12.75 3.52 5.46
CA ARG A 56 12.58 4.79 6.16
C ARG A 56 11.33 5.52 5.67
N ARG A 57 11.09 5.48 4.36
CA ARG A 57 9.90 6.12 3.81
C ARG A 57 8.61 5.48 4.31
N GLU A 58 8.62 4.15 4.40
CA GLU A 58 7.48 3.42 4.90
C GLU A 58 7.16 3.87 6.32
N VAL A 59 8.15 3.79 7.20
CA VAL A 59 7.98 4.08 8.62
C VAL A 59 7.58 5.53 8.84
N GLU A 60 8.30 6.45 8.19
CA GLU A 60 8.07 7.87 8.36
C GLU A 60 6.72 8.32 7.78
N ILE A 61 6.26 7.65 6.73
CA ILE A 61 4.97 8.04 6.14
C ILE A 61 3.80 7.33 6.81
N GLN A 62 3.82 6.00 6.77
CA GLN A 62 2.70 5.22 7.27
C GLN A 62 2.28 5.63 8.69
N SER A 63 3.27 5.85 9.56
CA SER A 63 3.04 6.15 10.97
C SER A 63 2.36 7.49 11.22
N HIS A 64 2.41 8.37 10.21
CA HIS A 64 1.73 9.68 10.31
C HIS A 64 0.43 9.73 9.52
N LEU A 65 0.00 8.57 9.01
CA LEU A 65 -1.31 8.44 8.38
C LEU A 65 -2.34 7.84 9.34
N ARG A 66 -3.54 8.42 9.36
CA ARG A 66 -4.68 7.89 10.12
C ARG A 66 -5.89 7.74 9.21
N HIS A 67 -6.26 6.51 8.90
CA HIS A 67 -7.44 6.22 8.11
C HIS A 67 -7.91 4.81 8.45
N PRO A 68 -9.24 4.62 8.62
CA PRO A 68 -9.74 3.27 8.91
C PRO A 68 -9.44 2.27 7.79
N ASN A 69 -9.05 2.77 6.62
CA ASN A 69 -8.72 1.89 5.49
C ASN A 69 -7.22 1.84 5.15
N ILE A 70 -6.39 2.41 6.02
CA ILE A 70 -4.95 2.28 5.92
C ILE A 70 -4.43 1.62 7.19
N LEU A 71 -3.84 0.42 7.03
CA LEU A 71 -3.26 -0.33 8.15
C LEU A 71 -2.34 0.56 8.98
N ARG A 72 -2.58 0.59 10.29
CA ARG A 72 -1.81 1.46 11.18
C ARG A 72 -0.38 0.96 11.41
N LEU A 73 0.54 1.93 11.53
CA LEU A 73 1.87 1.67 12.05
C LEU A 73 1.94 2.43 13.36
N TYR A 74 1.68 1.73 14.46
CA TYR A 74 1.67 2.37 15.78
C TYR A 74 3.05 2.92 16.16
N GLY A 75 4.10 2.25 15.69
CA GLY A 75 5.47 2.69 15.95
C GLY A 75 6.50 1.62 15.64
N TYR A 76 7.77 1.98 15.85
CA TYR A 76 8.87 1.12 15.41
C TYR A 76 9.98 1.11 16.46
N PHE A 77 10.81 0.09 16.41
CA PHE A 77 12.02 0.05 17.22
C PHE A 77 13.02 -0.89 16.57
N HIS A 78 14.25 -0.87 17.06
CA HIS A 78 15.30 -1.70 16.49
C HIS A 78 16.35 -2.11 17.52
N ASP A 79 17.00 -3.25 17.26
CA ASP A 79 18.17 -3.65 18.01
C ASP A 79 19.38 -3.70 17.09
N ALA A 80 20.42 -4.41 17.51
CA ALA A 80 21.65 -4.51 16.73
C ALA A 80 21.44 -5.07 15.32
N THR A 81 20.57 -6.08 15.19
CA THR A 81 20.46 -6.81 13.93
C THR A 81 19.15 -6.62 13.16
N ARG A 82 18.08 -6.22 13.85
CA ARG A 82 16.75 -6.16 13.24
C ARG A 82 16.04 -4.82 13.42
N VAL A 83 15.04 -4.58 12.58
CA VAL A 83 14.11 -3.48 12.73
C VAL A 83 12.72 -4.08 12.93
N TYR A 84 11.99 -3.57 13.91
CA TYR A 84 10.64 -4.05 14.20
C TYR A 84 9.62 -2.97 13.86
N LEU A 85 8.54 -3.38 13.22
CA LEU A 85 7.43 -2.49 12.91
C LEU A 85 6.20 -3.00 13.64
N ILE A 86 5.59 -2.12 14.45
CA ILE A 86 4.40 -2.51 15.19
C ILE A 86 3.15 -2.09 14.42
N LEU A 87 2.56 -3.06 13.73
CA LEU A 87 1.47 -2.81 12.80
C LEU A 87 0.14 -3.31 13.36
N GLU A 88 -0.94 -2.64 12.98
CA GLU A 88 -2.31 -3.08 13.27
C GLU A 88 -2.51 -4.51 12.75
N TYR A 89 -3.29 -5.30 13.47
CA TYR A 89 -3.63 -6.66 13.05
C TYR A 89 -4.81 -6.64 12.09
N ALA A 90 -4.73 -7.45 11.04
CA ALA A 90 -5.81 -7.58 10.08
C ALA A 90 -6.29 -9.03 10.06
N PRO A 91 -7.35 -9.33 10.85
CA PRO A 91 -7.77 -10.71 11.10
C PRO A 91 -8.10 -11.55 9.86
N LEU A 92 -8.62 -10.92 8.81
CA LEU A 92 -9.08 -11.67 7.64
C LEU A 92 -8.06 -11.79 6.50
N GLY A 93 -6.78 -11.61 6.84
CA GLY A 93 -5.69 -11.82 5.90
C GLY A 93 -5.67 -10.88 4.71
N THR A 94 -4.96 -11.27 3.66
CA THR A 94 -4.79 -10.42 2.47
C THR A 94 -5.96 -10.55 1.49
N VAL A 95 -6.17 -9.52 0.68
CA VAL A 95 -7.17 -9.56 -0.38
C VAL A 95 -6.72 -10.52 -1.47
N TYR A 96 -5.40 -10.64 -1.63
CA TYR A 96 -4.80 -11.54 -2.60
C TYR A 96 -5.22 -12.99 -2.36
N ARG A 97 -5.23 -13.39 -1.09
CA ARG A 97 -5.64 -14.73 -0.69
C ARG A 97 -7.13 -14.97 -0.93
N GLU A 98 -7.95 -13.98 -0.59
CA GLU A 98 -9.37 -14.01 -0.87
C GLU A 98 -9.61 -14.22 -2.37
N LEU A 99 -8.94 -13.42 -3.19
CA LEU A 99 -9.04 -13.53 -4.65
C LEU A 99 -8.65 -14.92 -5.17
N GLN A 100 -7.64 -15.51 -4.55
CA GLN A 100 -7.16 -16.83 -4.92
C GLN A 100 -8.18 -17.93 -4.59
N LYS A 101 -8.99 -17.69 -3.55
CA LYS A 101 -10.00 -18.67 -3.14
C LYS A 101 -11.24 -18.59 -4.01
N LEU A 102 -11.59 -17.38 -4.45
CA LEU A 102 -12.82 -17.16 -5.19
C LEU A 102 -12.61 -17.09 -6.71
N SER A 103 -11.35 -17.16 -7.14
CA SER A 103 -10.97 -16.97 -8.55
C SER A 103 -11.20 -15.55 -9.07
N LYS A 104 -12.39 -15.01 -8.82
CA LYS A 104 -12.71 -13.62 -9.13
C LYS A 104 -13.81 -13.10 -8.22
N PHE A 105 -13.92 -11.78 -8.10
CA PHE A 105 -14.94 -11.17 -7.26
C PHE A 105 -16.12 -10.71 -8.09
N ASP A 106 -17.30 -10.69 -7.48
CA ASP A 106 -18.49 -10.16 -8.11
C ASP A 106 -18.37 -8.64 -8.15
N GLU A 107 -19.39 -7.98 -8.70
CA GLU A 107 -19.38 -6.53 -8.84
C GLU A 107 -19.54 -5.79 -7.52
N GLN A 108 -20.32 -6.38 -6.62
CA GLN A 108 -20.57 -5.79 -5.31
C GLN A 108 -19.32 -5.76 -4.44
N ARG A 109 -18.56 -6.87 -4.46
CA ARG A 109 -17.36 -6.98 -3.65
C ARG A 109 -16.28 -6.06 -4.19
N THR A 110 -16.14 -6.05 -5.51
CA THR A 110 -15.17 -5.22 -6.19
C THR A 110 -15.42 -3.74 -5.91
N ALA A 111 -16.61 -3.25 -6.26
CA ALA A 111 -16.94 -1.83 -6.12
C ALA A 111 -16.76 -1.34 -4.68
N THR A 112 -17.02 -2.21 -3.71
CA THR A 112 -16.87 -1.89 -2.30
C THR A 112 -15.39 -1.73 -1.91
N TYR A 113 -14.55 -2.69 -2.28
CA TYR A 113 -13.09 -2.58 -2.15
C TYR A 113 -12.56 -1.31 -2.79
N ILE A 114 -12.99 -1.07 -4.03
CA ILE A 114 -12.51 0.04 -4.85
C ILE A 114 -12.95 1.39 -4.27
N THR A 115 -14.00 1.37 -3.46
CA THR A 115 -14.44 2.54 -2.70
C THR A 115 -13.49 2.73 -1.51
N GLU A 116 -13.43 1.71 -0.65
CA GLU A 116 -12.57 1.69 0.54
C GLU A 116 -11.11 2.05 0.22
N LEU A 117 -10.59 1.53 -0.88
CA LEU A 117 -9.25 1.89 -1.33
C LEU A 117 -9.19 3.32 -1.90
N ALA A 118 -10.17 3.69 -2.71
CA ALA A 118 -10.24 5.05 -3.23
C ALA A 118 -10.33 6.11 -2.13
N ASN A 119 -10.98 5.76 -1.00
CA ASN A 119 -11.02 6.62 0.18
C ASN A 119 -9.65 6.74 0.84
N ALA A 120 -9.02 5.60 1.09
CA ALA A 120 -7.66 5.55 1.62
C ALA A 120 -6.69 6.36 0.75
N LEU A 121 -6.73 6.13 -0.56
CA LEU A 121 -5.91 6.88 -1.51
C LEU A 121 -6.22 8.38 -1.53
N SER A 122 -7.50 8.72 -1.44
CA SER A 122 -7.95 10.11 -1.40
C SER A 122 -7.32 10.85 -0.23
N TYR A 123 -7.25 10.16 0.92
CA TYR A 123 -6.62 10.67 2.13
C TYR A 123 -5.11 10.86 1.93
N CYS A 124 -4.43 9.83 1.40
CA CYS A 124 -3.01 9.91 1.08
C CYS A 124 -2.72 11.13 0.21
N HIS A 125 -3.43 11.19 -0.92
CA HIS A 125 -3.22 12.22 -1.92
C HIS A 125 -3.48 13.62 -1.37
N SER A 126 -4.33 13.70 -0.34
CA SER A 126 -4.60 14.97 0.34
C SER A 126 -3.42 15.37 1.21
N LYS A 127 -2.69 14.38 1.72
CA LYS A 127 -1.47 14.62 2.50
C LYS A 127 -0.25 14.68 1.58
N ARG A 128 -0.50 14.65 0.27
CA ARG A 128 0.54 14.70 -0.79
C ARG A 128 1.40 13.43 -0.85
N VAL A 129 0.80 12.30 -0.47
CA VAL A 129 1.49 11.02 -0.47
C VAL A 129 0.99 10.16 -1.63
N ILE A 130 1.94 9.53 -2.34
CA ILE A 130 1.63 8.58 -3.41
C ILE A 130 2.07 7.20 -2.93
N HIS A 131 1.19 6.21 -3.07
CA HIS A 131 1.48 4.87 -2.55
C HIS A 131 2.40 4.08 -3.48
N ARG A 132 2.06 4.09 -4.77
CA ARG A 132 2.93 3.59 -5.84
C ARG A 132 3.08 2.06 -5.93
N ASP A 133 2.37 1.34 -5.06
CA ASP A 133 2.47 -0.11 -5.06
C ASP A 133 1.14 -0.78 -4.76
N ILE A 134 0.06 -0.27 -5.36
CA ILE A 134 -1.25 -0.89 -5.21
C ILE A 134 -1.27 -2.23 -5.93
N LYS A 135 -1.70 -3.27 -5.20
CA LYS A 135 -1.79 -4.62 -5.73
C LYS A 135 -2.44 -5.52 -4.66
N PRO A 136 -3.09 -6.62 -5.10
CA PRO A 136 -3.80 -7.48 -4.14
C PRO A 136 -2.96 -7.88 -2.91
N GLU A 137 -1.67 -8.15 -3.12
CA GLU A 137 -0.73 -8.53 -2.05
C GLU A 137 -0.62 -7.49 -0.96
N ASN A 138 -0.62 -6.22 -1.36
CA ASN A 138 -0.49 -5.10 -0.42
C ASN A 138 -1.81 -4.65 0.21
N LEU A 139 -2.85 -5.46 0.05
CA LEU A 139 -4.17 -5.12 0.57
C LEU A 139 -4.61 -6.16 1.58
N LEU A 140 -4.95 -5.71 2.78
CA LEU A 140 -5.37 -6.57 3.90
C LEU A 140 -6.84 -6.38 4.28
N LEU A 141 -7.32 -7.23 5.20
CA LEU A 141 -8.73 -7.24 5.58
C LEU A 141 -9.00 -7.24 7.09
N GLY A 142 -9.83 -6.29 7.53
CA GLY A 142 -10.15 -6.09 8.93
C GLY A 142 -11.27 -6.99 9.45
N SER A 143 -11.74 -6.67 10.64
CA SER A 143 -12.74 -7.46 11.37
C SER A 143 -14.05 -7.64 10.60
N ALA A 144 -14.58 -6.53 10.07
CA ALA A 144 -15.81 -6.53 9.28
C ALA A 144 -15.53 -6.70 7.78
N GLY A 145 -14.38 -7.27 7.45
CA GLY A 145 -13.96 -7.46 6.07
C GLY A 145 -13.70 -6.16 5.34
N GLU A 146 -13.18 -5.16 6.05
CA GLU A 146 -12.82 -3.87 5.45
C GLU A 146 -11.42 -3.89 4.81
N LEU A 147 -11.27 -3.20 3.69
CA LEU A 147 -9.99 -3.14 2.97
C LEU A 147 -9.01 -2.22 3.69
N LYS A 148 -7.77 -2.68 3.84
CA LYS A 148 -6.72 -1.87 4.45
C LYS A 148 -5.47 -1.95 3.58
N ILE A 149 -5.05 -0.81 3.01
CA ILE A 149 -3.77 -0.82 2.28
C ILE A 149 -2.61 -0.74 3.26
N ALA A 150 -1.52 -1.40 2.89
CA ALA A 150 -0.31 -1.43 3.71
C ALA A 150 0.90 -1.35 2.80
N ASP A 151 2.01 -1.95 3.25
CA ASP A 151 3.21 -2.06 2.45
C ASP A 151 3.54 -0.72 1.76
N PHE A 152 3.97 0.25 2.58
CA PHE A 152 4.23 1.61 2.13
C PHE A 152 5.69 1.89 1.78
N GLY A 153 6.43 0.84 1.44
CA GLY A 153 7.87 0.93 1.15
C GLY A 153 8.23 1.66 -0.13
N TRP A 154 7.30 1.70 -1.08
CA TRP A 154 7.51 2.41 -2.34
C TRP A 154 6.82 3.76 -2.34
N SER A 155 6.09 4.05 -1.26
CA SER A 155 5.36 5.32 -1.11
C SER A 155 6.31 6.50 -1.00
N VAL A 156 5.75 7.71 -1.06
CA VAL A 156 6.55 8.92 -1.14
C VAL A 156 5.70 10.16 -0.87
N HIS A 157 6.21 11.04 -0.01
CA HIS A 157 5.63 12.37 0.15
C HIS A 157 6.18 13.28 -0.96
N ALA A 158 5.32 13.61 -1.92
CA ALA A 158 5.69 14.43 -3.08
C ALA A 158 4.87 15.73 -3.14
N PRO A 159 5.15 16.68 -2.23
CA PRO A 159 4.28 17.84 -2.06
C PRO A 159 4.34 18.86 -3.21
N SER A 160 5.49 18.99 -3.86
CA SER A 160 5.60 19.95 -4.96
C SER A 160 5.84 19.31 -6.33
N SER A 161 7.01 18.72 -6.52
CA SER A 161 7.43 18.25 -7.84
C SER A 161 7.05 16.80 -8.12
N ARG A 162 7.06 16.43 -9.41
CA ARG A 162 6.92 15.03 -9.85
C ARG A 162 8.11 14.18 -9.38
N ARG A 163 7.98 12.85 -9.52
CA ARG A 163 9.01 11.90 -9.06
C ARG A 163 9.61 11.11 -10.25
N LEU A 166 11.72 4.54 -10.80
CA LEU A 166 11.03 3.39 -11.41
C LEU A 166 10.73 2.40 -10.31
N CYS A 167 9.46 2.22 -9.98
CA CYS A 167 9.09 1.35 -8.85
C CYS A 167 7.66 0.84 -8.96
N GLY A 168 7.32 -0.13 -8.13
CA GLY A 168 6.03 -0.79 -8.17
C GLY A 168 6.15 -2.28 -8.43
N THR A 169 5.20 -2.82 -9.19
CA THR A 169 5.12 -4.25 -9.49
C THR A 169 4.66 -4.50 -10.92
N LEU A 170 5.34 -5.45 -11.58
CA LEU A 170 5.18 -5.79 -12.99
C LEU A 170 3.83 -5.42 -13.64
N ASP A 171 2.77 -6.12 -13.24
CA ASP A 171 1.46 -6.01 -13.89
C ASP A 171 0.73 -4.70 -13.59
N TYR A 172 1.23 -3.99 -12.57
CA TYR A 172 0.53 -2.82 -12.05
C TYR A 172 1.25 -1.51 -12.41
N LEU A 173 2.37 -1.62 -13.11
CA LEU A 173 3.21 -0.48 -13.43
C LEU A 173 2.47 0.43 -14.39
N PRO A 174 2.54 1.76 -14.15
CA PRO A 174 1.96 2.71 -15.07
C PRO A 174 2.89 2.89 -16.27
N PRO A 175 2.32 3.25 -17.44
CA PRO A 175 3.10 3.38 -18.69
C PRO A 175 4.15 4.48 -18.64
N GLU A 176 3.85 5.59 -17.96
CA GLU A 176 4.80 6.70 -17.80
C GLU A 176 6.09 6.27 -17.09
N MET A 177 6.00 5.24 -16.27
CA MET A 177 7.17 4.68 -15.62
C MET A 177 7.96 3.82 -16.60
N ILE A 178 7.25 2.97 -17.33
CA ILE A 178 7.87 2.14 -18.38
C ILE A 178 8.56 2.98 -19.44
N GLU A 179 7.93 4.08 -19.86
CA GLU A 179 8.50 4.95 -20.89
C GLU A 179 9.55 5.91 -20.32
N GLY A 180 9.87 5.75 -19.05
CA GLY A 180 10.91 6.56 -18.41
C GLY A 180 10.59 8.03 -18.28
N ARG A 181 9.34 8.35 -17.92
CA ARG A 181 8.90 9.73 -17.72
C ARG A 181 8.67 10.00 -16.26
N MET A 182 8.81 11.26 -15.86
CA MET A 182 8.43 11.68 -14.50
C MET A 182 6.99 11.30 -14.21
N HIS A 183 6.67 11.09 -12.94
CA HIS A 183 5.33 10.69 -12.56
C HIS A 183 4.77 11.48 -11.38
N ASP A 184 3.45 11.44 -11.22
CA ASP A 184 2.76 12.15 -10.16
C ASP A 184 1.77 11.20 -9.47
N GLU A 185 0.84 11.76 -8.70
CA GLU A 185 -0.16 10.98 -7.96
C GLU A 185 -1.05 10.12 -8.85
N LYS A 186 -1.11 10.46 -10.14
CA LYS A 186 -1.94 9.74 -11.11
C LYS A 186 -1.53 8.28 -11.38
N VAL A 187 -0.42 7.84 -10.77
CA VAL A 187 0.01 6.43 -10.91
C VAL A 187 -0.86 5.50 -10.05
N ASP A 188 -1.38 6.03 -8.94
CA ASP A 188 -2.24 5.27 -8.06
C ASP A 188 -3.60 4.97 -8.69
N LEU A 189 -4.06 5.90 -9.53
CA LEU A 189 -5.28 5.76 -10.31
C LEU A 189 -5.14 4.70 -11.42
N TRP A 190 -3.98 4.68 -12.09
CA TRP A 190 -3.72 3.65 -13.10
C TRP A 190 -3.82 2.26 -12.48
N SER A 191 -3.03 2.02 -11.43
CA SER A 191 -2.99 0.74 -10.74
C SER A 191 -4.32 0.39 -10.07
N LEU A 192 -5.13 1.40 -9.79
CA LEU A 192 -6.48 1.23 -9.26
C LEU A 192 -7.41 0.60 -10.28
N GLY A 193 -7.17 0.89 -11.56
CA GLY A 193 -7.94 0.28 -12.65
C GLY A 193 -7.47 -1.12 -12.99
N VAL A 194 -6.16 -1.38 -12.81
CA VAL A 194 -5.57 -2.69 -13.03
C VAL A 194 -6.02 -3.61 -11.90
N LEU A 195 -6.16 -3.03 -10.71
CA LEU A 195 -6.76 -3.71 -9.57
C LEU A 195 -8.20 -4.08 -9.90
N CYS A 196 -9.01 -3.07 -10.24
CA CYS A 196 -10.43 -3.28 -10.57
C CYS A 196 -10.64 -4.36 -11.64
N TYR A 197 -9.79 -4.37 -12.66
CA TYR A 197 -9.84 -5.41 -13.68
C TYR A 197 -9.62 -6.78 -13.04
N GLU A 198 -8.43 -6.95 -12.42
CA GLU A 198 -8.04 -8.23 -11.81
C GLU A 198 -9.07 -8.72 -10.79
N PHE A 199 -9.69 -7.80 -10.07
CA PHE A 199 -10.75 -8.13 -9.13
C PHE A 199 -11.92 -8.81 -9.83
N LEU A 200 -12.36 -8.23 -10.95
CA LEU A 200 -13.52 -8.73 -11.68
C LEU A 200 -13.21 -9.93 -12.58
N VAL A 201 -12.00 -9.95 -13.14
CA VAL A 201 -11.62 -10.96 -14.14
C VAL A 201 -10.86 -12.14 -13.55
N GLY A 202 -10.00 -11.87 -12.56
CA GLY A 202 -9.21 -12.93 -11.94
C GLY A 202 -7.75 -12.95 -12.35
N LYS A 203 -7.43 -12.13 -13.35
CA LYS A 203 -6.06 -11.93 -13.82
C LYS A 203 -5.96 -10.50 -14.32
N PRO A 204 -4.72 -9.93 -14.35
CA PRO A 204 -4.56 -8.53 -14.72
C PRO A 204 -4.45 -8.37 -16.25
N PRO A 205 -4.84 -7.19 -16.77
CA PRO A 205 -5.10 -7.02 -18.22
C PRO A 205 -3.90 -7.17 -19.16
N PHE A 206 -2.71 -6.85 -18.67
CA PHE A 206 -1.51 -6.92 -19.50
C PHE A 206 -0.61 -8.11 -19.19
N GLU A 207 -1.17 -9.14 -18.54
CA GLU A 207 -0.39 -10.32 -18.12
C GLU A 207 0.19 -11.03 -19.34
N ALA A 208 1.46 -11.45 -19.23
CA ALA A 208 2.18 -12.12 -20.32
C ALA A 208 3.28 -13.04 -19.80
N ASN A 209 3.87 -13.84 -20.70
CA ASN A 209 4.93 -14.78 -20.35
C ASN A 209 6.26 -14.13 -19.95
N THR A 210 6.48 -12.90 -20.40
CA THR A 210 7.70 -12.16 -20.10
C THR A 210 7.39 -10.74 -19.66
N TYR A 211 8.28 -10.18 -18.84
CA TYR A 211 8.16 -8.78 -18.42
C TYR A 211 8.28 -7.85 -19.62
N GLN A 212 9.10 -8.25 -20.60
CA GLN A 212 9.27 -7.50 -21.84
C GLN A 212 7.94 -7.30 -22.57
N GLU A 213 7.18 -8.38 -22.74
CA GLU A 213 5.87 -8.31 -23.41
C GLU A 213 4.86 -7.47 -22.63
N THR A 214 4.79 -7.68 -21.32
CA THR A 214 3.90 -6.90 -20.45
C THR A 214 4.15 -5.41 -20.62
N TYR A 215 5.45 -5.04 -20.61
CA TYR A 215 5.89 -3.65 -20.78
C TYR A 215 5.38 -3.04 -22.09
N LYS A 216 5.47 -3.81 -23.17
CA LYS A 216 4.92 -3.37 -24.45
C LYS A 216 3.43 -3.14 -24.36
N ARG A 217 2.71 -4.11 -23.80
CA ARG A 217 1.25 -4.03 -23.63
C ARG A 217 0.77 -2.83 -22.82
N ILE A 218 1.37 -2.60 -21.66
CA ILE A 218 1.05 -1.44 -20.81
C ILE A 218 1.33 -0.14 -21.56
N SER A 219 2.50 -0.07 -22.19
CA SER A 219 2.88 1.07 -23.02
C SER A 219 1.81 1.39 -24.07
N ARG A 220 1.28 0.34 -24.70
CA ARG A 220 0.27 0.45 -25.75
C ARG A 220 -1.16 0.43 -25.24
N VAL A 221 -1.34 0.35 -23.92
CA VAL A 221 -2.66 0.12 -23.29
C VAL A 221 -3.42 -1.00 -24.03
N GLU A 222 -2.69 -2.09 -24.24
CA GLU A 222 -3.13 -3.21 -25.06
C GLU A 222 -3.82 -4.27 -24.19
N PHE A 223 -5.14 -4.18 -24.13
CA PHE A 223 -5.95 -5.14 -23.37
C PHE A 223 -7.42 -5.20 -23.84
N THR A 224 -8.04 -6.35 -23.60
CA THR A 224 -9.44 -6.58 -23.94
C THR A 224 -10.22 -7.02 -22.70
N PHE A 225 -11.55 -6.99 -22.78
CA PHE A 225 -12.45 -7.44 -21.70
C PHE A 225 -13.10 -8.76 -22.05
N PRO A 226 -13.27 -9.64 -21.04
CA PRO A 226 -14.14 -10.81 -21.24
C PRO A 226 -15.62 -10.39 -21.28
N ASP A 227 -16.46 -11.28 -21.81
CA ASP A 227 -17.86 -10.96 -22.10
C ASP A 227 -18.71 -10.65 -20.87
N PHE A 228 -18.32 -11.20 -19.73
CA PHE A 228 -19.09 -10.99 -18.50
C PHE A 228 -18.91 -9.62 -17.84
N VAL A 229 -17.83 -8.92 -18.18
CA VAL A 229 -17.57 -7.59 -17.61
C VAL A 229 -18.59 -6.59 -18.12
N THR A 230 -19.38 -6.04 -17.20
CA THR A 230 -20.51 -5.17 -17.52
C THR A 230 -20.05 -3.83 -18.10
N GLU A 231 -20.95 -3.19 -18.84
CA GLU A 231 -20.70 -1.86 -19.41
C GLU A 231 -20.18 -0.88 -18.34
N GLY A 232 -20.82 -0.89 -17.17
CA GLY A 232 -20.43 -0.02 -16.06
C GLY A 232 -18.99 -0.22 -15.64
N ALA A 233 -18.64 -1.47 -15.36
CA ALA A 233 -17.27 -1.85 -15.04
C ALA A 233 -16.31 -1.49 -16.17
N ARG A 234 -16.71 -1.77 -17.41
CA ARG A 234 -15.89 -1.47 -18.60
C ARG A 234 -15.56 0.01 -18.68
N ASP A 235 -16.56 0.86 -18.41
CA ASP A 235 -16.37 2.30 -18.44
C ASP A 235 -15.30 2.77 -17.46
N LEU A 236 -15.41 2.35 -16.20
CA LEU A 236 -14.51 2.79 -15.14
C LEU A 236 -13.05 2.40 -15.40
N ILE A 237 -12.83 1.12 -15.67
CA ILE A 237 -11.49 0.61 -16.01
C ILE A 237 -10.89 1.41 -17.18
N SER A 238 -11.63 1.52 -18.28
CA SER A 238 -11.18 2.27 -19.45
C SER A 238 -10.77 3.70 -19.12
N ARG A 239 -11.47 4.33 -18.18
CA ARG A 239 -11.16 5.69 -17.73
C ARG A 239 -9.89 5.75 -16.91
N LEU A 240 -9.71 4.77 -16.02
CA LEU A 240 -8.53 4.69 -15.16
C LEU A 240 -7.29 4.27 -15.94
N LEU A 241 -7.50 3.49 -16.99
CA LEU A 241 -6.40 2.93 -17.76
C LEU A 241 -6.09 3.76 -18.99
N LYS A 242 -5.99 5.07 -18.78
CA LYS A 242 -5.59 5.99 -19.83
C LYS A 242 -4.06 6.09 -19.83
N HIS A 243 -3.48 6.16 -21.03
CA HIS A 243 -2.04 6.26 -21.20
C HIS A 243 -1.51 7.60 -20.73
N ASN A 244 -2.26 8.66 -21.03
CA ASN A 244 -1.99 10.00 -20.54
C ASN A 244 -2.53 10.14 -19.11
N PRO A 245 -1.62 10.27 -18.11
CA PRO A 245 -2.04 10.37 -16.70
C PRO A 245 -3.09 11.45 -16.41
N SER A 246 -2.99 12.59 -17.07
CA SER A 246 -3.94 13.69 -16.84
C SER A 246 -5.36 13.41 -17.39
N GLN A 247 -5.49 12.33 -18.16
CA GLN A 247 -6.79 11.88 -18.66
C GLN A 247 -7.47 10.85 -17.74
N ARG A 248 -6.73 10.37 -16.73
CA ARG A 248 -7.30 9.55 -15.67
C ARG A 248 -8.16 10.42 -14.76
N PRO A 249 -9.29 9.88 -14.27
CA PRO A 249 -10.17 10.63 -13.39
C PRO A 249 -9.55 10.87 -12.01
N MET A 250 -10.02 11.91 -11.33
CA MET A 250 -9.72 12.13 -9.92
C MET A 250 -10.41 11.01 -9.15
N LEU A 251 -9.93 10.73 -7.93
CA LEU A 251 -10.55 9.72 -7.09
C LEU A 251 -11.99 10.04 -6.74
N ARG A 252 -12.30 11.33 -6.64
CA ARG A 252 -13.66 11.81 -6.34
C ARG A 252 -14.63 11.37 -7.44
N GLU A 253 -14.13 11.33 -8.69
CA GLU A 253 -14.91 10.84 -9.82
C GLU A 253 -15.12 9.33 -9.77
N VAL A 254 -14.16 8.61 -9.21
CA VAL A 254 -14.25 7.17 -9.02
C VAL A 254 -15.29 6.84 -7.93
N LEU A 255 -15.26 7.63 -6.84
CA LEU A 255 -16.17 7.42 -5.73
C LEU A 255 -17.63 7.69 -6.10
N GLU A 256 -17.84 8.60 -7.05
CA GLU A 256 -19.17 8.98 -7.50
C GLU A 256 -19.55 8.31 -8.83
N HIS A 257 -18.74 7.36 -9.28
CA HIS A 257 -18.98 6.66 -10.55
C HIS A 257 -20.26 5.81 -10.48
N PRO A 258 -21.16 5.96 -11.47
CA PRO A 258 -22.45 5.27 -11.49
C PRO A 258 -22.38 3.77 -11.16
N TRP A 259 -21.35 3.09 -11.65
CA TRP A 259 -21.17 1.65 -11.40
C TRP A 259 -20.67 1.38 -9.97
N ILE A 260 -19.92 2.34 -9.43
CA ILE A 260 -19.44 2.25 -8.05
C ILE A 260 -20.60 2.46 -7.08
N THR A 261 -21.39 3.52 -7.30
CA THR A 261 -22.54 3.82 -6.46
C THR A 261 -23.66 2.77 -6.58
N ALA A 262 -23.76 2.14 -7.74
CA ALA A 262 -24.81 1.15 -8.01
C ALA A 262 -24.45 -0.25 -7.51
N ASN A 263 -23.21 -0.44 -7.08
CA ASN A 263 -22.75 -1.74 -6.58
C ASN A 263 -22.10 -1.71 -5.20
N SER A 264 -21.47 -0.58 -4.87
CA SER A 264 -20.84 -0.38 -3.56
C SER A 264 -21.89 -0.45 -2.46
N SER A 265 -21.47 -0.93 -1.29
CA SER A 265 -22.35 -1.06 -0.14
C SER A 265 -21.73 -0.43 1.11
N GLY B 1 34.99 4.83 -5.37
CA GLY B 1 33.77 4.32 -6.07
C GLY B 1 32.53 4.45 -5.23
N MET B 2 31.46 3.80 -5.66
CA MET B 2 30.17 3.90 -4.98
C MET B 2 30.10 2.96 -3.77
N SER B 3 29.46 3.41 -2.70
CA SER B 3 29.24 2.59 -1.52
C SER B 3 27.93 3.01 -0.83
N GLN B 4 27.42 2.13 0.04
CA GLN B 4 26.19 2.38 0.76
C GLN B 4 26.56 2.72 2.20
N VAL B 5 26.14 3.88 2.68
CA VAL B 5 26.43 4.25 4.08
C VAL B 5 25.47 3.57 5.02
N LYS B 6 26.01 3.08 6.13
CA LYS B 6 25.22 2.50 7.19
C LYS B 6 24.31 3.58 7.77
N SER B 7 23.04 3.23 7.97
CA SER B 7 22.06 4.12 8.58
C SER B 7 22.05 3.90 10.09
N SER B 8 21.58 4.90 10.82
CA SER B 8 21.49 4.80 12.27
C SER B 8 20.08 4.42 12.73
N TYR B 9 19.17 4.32 11.75
CA TYR B 9 17.80 3.85 11.96
C TYR B 9 17.01 4.70 12.94
N SER B 10 17.42 5.96 13.03
CA SER B 10 16.71 6.93 13.86
C SER B 10 15.82 7.71 12.91
N TYR B 11 14.53 7.38 12.97
CA TYR B 11 13.53 7.91 12.06
C TYR B 11 12.65 8.93 12.75
N ASP B 12 12.15 9.88 11.98
CA ASP B 12 11.17 10.85 12.47
C ASP B 12 9.83 10.13 12.54
N ALA B 13 9.71 9.25 13.53
CA ALA B 13 8.62 8.31 13.62
C ALA B 13 8.51 7.83 15.08
N PRO B 14 7.31 7.39 15.48
CA PRO B 14 7.03 7.02 16.88
C PRO B 14 7.80 5.80 17.38
N SER B 15 8.63 6.01 18.40
CA SER B 15 9.30 4.91 19.11
C SER B 15 8.76 4.83 20.55
N ASP B 16 7.83 5.72 20.90
CA ASP B 16 7.29 5.79 22.26
C ASP B 16 6.36 4.63 22.57
N PHE B 17 6.67 3.89 23.63
CA PHE B 17 5.74 2.91 24.18
C PHE B 17 4.35 3.57 24.27
N ILE B 18 3.32 2.79 23.95
CA ILE B 18 1.94 3.27 24.10
C ILE B 18 1.09 2.29 24.89
N ASN B 19 0.23 2.92 25.80
CA ASN B 19 -0.66 2.13 26.64
C ASN B 19 -1.95 1.86 25.89
N PHE B 20 -2.13 0.59 25.50
CA PHE B 20 -3.07 0.29 24.41
C PHE B 20 -4.56 0.50 24.67
N SER B 21 -5.05 -0.01 25.83
CA SER B 21 -6.34 0.44 26.35
C SER B 21 -6.05 1.62 27.31
N SER B 22 -6.39 2.86 26.92
CA SER B 22 -7.01 3.22 25.65
C SER B 22 -6.83 4.72 25.48
N LEU B 23 -7.23 5.24 24.29
CA LEU B 23 -6.93 6.63 23.88
C LEU B 23 -7.57 6.93 22.51
N ASN B 31 -4.91 14.77 13.94
CA ASN B 31 -4.19 15.77 14.74
C ASN B 31 -2.67 15.72 14.48
N ILE B 32 -2.17 14.56 14.05
CA ILE B 32 -0.73 14.38 13.78
C ILE B 32 -0.41 14.07 12.31
N ASP B 33 -1.43 14.12 11.45
CA ASP B 33 -1.23 14.00 10.01
C ASP B 33 -0.84 15.35 9.37
N SER B 34 -0.79 16.38 10.21
CA SER B 34 -0.31 17.70 9.81
C SER B 34 1.21 17.68 9.58
N TRP B 35 1.84 16.63 10.11
CA TRP B 35 3.25 16.31 9.86
C TRP B 35 3.65 16.52 8.39
N PHE B 36 2.78 16.07 7.48
CA PHE B 36 3.02 16.21 6.04
C PHE B 36 2.97 17.66 5.55
N GLU B 37 2.03 18.44 6.07
CA GLU B 37 1.89 19.85 5.73
C GLU B 37 3.02 20.69 6.33
N GLU B 38 3.47 20.30 7.52
CA GLU B 38 4.56 20.97 8.23
C GLU B 38 5.91 20.69 7.59
N LYS B 39 6.12 19.42 7.21
CA LYS B 39 7.36 18.99 6.56
C LYS B 39 7.49 19.59 5.16
N ALA B 40 6.35 19.85 4.53
CA ALA B 40 6.30 20.52 3.23
C ALA B 40 6.58 22.01 3.37
N ASN B 41 6.08 22.61 4.44
CA ASN B 41 6.19 24.06 4.66
C ASN B 41 7.57 24.55 5.14
N LEU B 42 8.53 23.64 5.20
CA LEU B 42 9.91 23.99 5.56
C LEU B 42 10.58 24.72 4.39
N GLU B 43 11.16 25.89 4.68
CA GLU B 43 11.80 26.72 3.66
C GLU B 43 13.30 26.39 3.50
#